data_1GUK
#
_entry.id   1GUK
#
_cell.length_a   114.300
_cell.length_b   95.900
_cell.length_c   50.800
_cell.angle_alpha   90.00
_cell.angle_beta   90.00
_cell.angle_gamma   90.00
#
_symmetry.space_group_name_H-M   'P 21 21 2'
#
_entity_poly.entity_id   1
_entity_poly.type   'polypeptide(L)'
_entity_poly.pdbx_seq_one_letter_code
;MAAKPKLYYFNGRGRMESIRWLLAAAGVEFEEEFLETREQYEKMQKDGHLLFGQVPLVEIDGMMLTQTRAILSYLAAKYN
LYGKDLKERVRIDMYADGTQDLMMMIAVAPFKTPKEKEESYDLILSRAKTRYFPVFEKILKDHGEAFLVGNQLSWADIQL
LEAILMVEELSAPVLSDFPLLQAFKTRISNIPTIKKFLQPGSQRKPPPDGPYVEVVRIVLKF
;
_entity_poly.pdbx_strand_id   A,B
#
# COMPACT_ATOMS: atom_id res chain seq x y z
N PRO A 5 12.91 -13.50 12.80
CA PRO A 5 12.44 -12.10 12.77
C PRO A 5 12.83 -11.34 14.03
N LYS A 6 13.00 -10.03 13.87
CA LYS A 6 13.19 -9.13 15.00
C LYS A 6 12.49 -7.83 14.63
N LEU A 7 11.31 -7.63 15.19
CA LEU A 7 10.52 -6.47 14.80
C LEU A 7 10.97 -5.29 15.62
N TYR A 8 11.07 -4.14 14.96
CA TYR A 8 11.37 -2.87 15.62
C TYR A 8 10.19 -1.92 15.36
N TYR A 9 9.73 -1.27 16.42
CA TYR A 9 8.58 -0.37 16.35
C TYR A 9 8.28 -0.02 17.80
N PHE A 10 7.25 0.78 18.05
CA PHE A 10 6.90 1.15 19.42
C PHE A 10 6.29 -0.02 20.20
N ASN A 11 6.03 0.24 21.49
CA ASN A 11 5.23 -0.68 22.30
C ASN A 11 3.78 -0.28 22.17
N GLY A 12 3.26 -0.48 20.97
CA GLY A 12 1.87 -0.20 20.63
C GLY A 12 1.54 -0.89 19.32
N ARG A 13 0.35 -0.64 18.76
CA ARG A 13 -0.11 -1.34 17.57
C ARG A 13 0.47 -0.83 16.25
N GLY A 14 -0.07 0.31 15.81
CA GLY A 14 0.39 0.96 14.59
C GLY A 14 0.58 0.09 13.37
N ARG A 15 1.68 0.33 12.69
CA ARG A 15 1.93 -0.31 11.42
C ARG A 15 2.48 -1.72 11.57
N MET A 16 2.90 -2.11 12.77
CA MET A 16 3.52 -3.43 12.91
C MET A 16 2.50 -4.48 13.23
N GLU A 17 1.42 -4.05 13.88
CA GLU A 17 0.45 -4.99 14.44
C GLU A 17 0.04 -6.05 13.42
N SER A 18 -0.25 -5.59 12.20
CA SER A 18 -0.67 -6.50 11.14
C SER A 18 0.42 -7.46 10.73
N ILE A 19 1.67 -7.10 11.02
CA ILE A 19 2.81 -7.97 10.75
C ILE A 19 2.94 -9.03 11.84
N ARG A 20 2.77 -8.61 13.09
CA ARG A 20 2.86 -9.55 14.21
C ARG A 20 1.82 -10.62 14.00
N TRP A 21 0.59 -10.16 13.77
CA TRP A 21 -0.51 -11.03 13.38
C TRP A 21 -0.16 -12.06 12.31
N LEU A 22 0.54 -11.63 11.27
CA LEU A 22 0.78 -12.52 10.13
C LEU A 22 1.84 -13.56 10.51
N LEU A 23 2.87 -13.10 11.21
CA LEU A 23 3.89 -13.98 11.76
C LEU A 23 3.23 -15.04 12.64
N ALA A 24 2.42 -14.56 13.59
CA ALA A 24 1.77 -15.40 14.59
C ALA A 24 0.98 -16.48 13.91
N ALA A 25 0.16 -16.07 12.95
CA ALA A 25 -0.72 -16.99 12.24
C ALA A 25 0.10 -18.02 11.45
N ALA A 26 1.34 -17.68 11.14
CA ALA A 26 2.20 -18.56 10.36
C ALA A 26 2.81 -19.62 11.25
N GLY A 27 2.69 -19.42 12.55
CA GLY A 27 3.33 -20.31 13.51
C GLY A 27 4.81 -20.02 13.57
N VAL A 28 5.16 -18.74 13.58
CA VAL A 28 6.54 -18.31 13.55
C VAL A 28 6.86 -17.41 14.72
N GLU A 29 7.86 -17.82 15.50
CA GLU A 29 8.23 -17.11 16.71
C GLU A 29 9.08 -15.90 16.38
N PHE A 30 8.74 -14.78 17.00
CA PHE A 30 9.47 -13.55 16.75
C PHE A 30 9.84 -12.83 18.03
N GLU A 31 10.87 -12.01 17.89
CA GLU A 31 11.45 -11.23 18.98
C GLU A 31 11.15 -9.80 18.60
N GLU A 32 10.99 -8.93 19.60
CA GLU A 32 10.80 -7.53 19.32
C GLU A 32 11.91 -6.73 19.98
N GLU A 33 11.84 -5.41 19.83
CA GLU A 33 12.80 -4.48 20.41
C GLU A 33 12.16 -3.13 20.22
N PHE A 34 11.69 -2.57 21.32
CA PHE A 34 10.81 -1.42 21.27
C PHE A 34 11.56 -0.13 21.13
N LEU A 35 11.06 0.75 20.27
CA LEU A 35 11.55 2.10 20.20
C LEU A 35 10.92 2.88 21.32
N GLU A 36 11.72 3.09 22.37
CA GLU A 36 11.26 3.85 23.51
C GLU A 36 11.49 5.32 23.29
N THR A 37 12.71 5.85 23.45
CA THR A 37 12.80 7.25 23.07
C THR A 37 13.89 7.81 22.14
N ARG A 38 13.56 9.01 21.64
CA ARG A 38 14.25 9.80 20.60
C ARG A 38 15.60 9.35 20.06
N GLU A 39 16.50 9.03 20.97
CA GLU A 39 17.87 8.71 20.58
C GLU A 39 17.95 7.38 19.84
N GLN A 40 17.16 6.41 20.31
CA GLN A 40 17.14 5.07 19.71
C GLN A 40 16.92 5.11 18.20
N TYR A 41 15.92 5.88 17.79
CA TYR A 41 15.56 6.03 16.38
C TYR A 41 16.72 6.62 15.58
N GLU A 42 17.29 7.72 16.05
CA GLU A 42 18.39 8.40 15.34
C GLU A 42 19.64 7.54 15.22
N LYS A 43 19.77 6.53 16.08
CA LYS A 43 20.85 5.56 16.00
C LYS A 43 20.63 4.58 14.85
N MET A 44 19.46 3.95 14.82
CA MET A 44 19.10 3.01 13.75
C MET A 44 19.26 3.64 12.37
N GLN A 45 18.83 4.90 12.30
CA GLN A 45 18.88 5.72 11.09
C GLN A 45 20.30 5.69 10.55
N LYS A 46 21.22 6.23 11.34
CA LYS A 46 22.57 6.53 10.91
C LYS A 46 23.50 5.34 10.96
N ASP A 47 22.99 4.18 11.38
CA ASP A 47 23.73 2.92 11.26
C ASP A 47 23.30 2.19 9.97
N GLY A 48 22.50 2.88 9.16
CA GLY A 48 22.12 2.38 7.85
C GLY A 48 21.13 1.23 7.90
N HIS A 49 20.14 1.32 8.78
CA HIS A 49 19.14 0.27 8.93
C HIS A 49 17.84 0.67 8.23
N LEU A 50 17.45 1.93 8.44
CA LEU A 50 16.18 2.43 7.92
C LEU A 50 16.32 3.07 6.53
N LEU A 51 15.91 2.32 5.49
CA LEU A 51 16.09 2.71 4.09
C LEU A 51 15.68 4.16 3.80
N PHE A 52 14.38 4.44 3.81
CA PHE A 52 13.92 5.81 3.64
C PHE A 52 13.70 6.46 4.99
N GLY A 53 14.45 5.98 5.98
CA GLY A 53 14.45 6.59 7.31
C GLY A 53 13.18 6.52 8.14
N GLN A 54 12.49 5.38 8.10
CA GLN A 54 11.21 5.25 8.80
C GLN A 54 10.86 3.80 9.15
N VAL A 55 10.36 3.60 10.37
CA VAL A 55 9.94 2.29 10.84
C VAL A 55 8.50 2.06 10.40
N PRO A 56 8.06 0.78 10.30
CA PRO A 56 8.64 -0.48 10.75
C PRO A 56 10.08 -0.74 10.36
N LEU A 57 10.73 -1.61 11.11
CA LEU A 57 11.93 -2.29 10.64
C LEU A 57 11.75 -3.73 11.07
N VAL A 58 12.02 -4.65 10.15
CA VAL A 58 11.87 -6.06 10.46
C VAL A 58 13.05 -6.86 9.94
N GLU A 59 13.97 -7.15 10.84
CA GLU A 59 15.13 -7.99 10.55
C GLU A 59 14.68 -9.43 10.30
N ILE A 60 14.86 -9.93 9.08
CA ILE A 60 14.49 -11.31 8.76
C ILE A 60 15.26 -11.81 7.54
N ASP A 61 15.56 -13.11 7.56
CA ASP A 61 16.35 -13.77 6.52
C ASP A 61 17.63 -13.04 6.16
N GLY A 62 18.22 -12.43 7.17
CA GLY A 62 19.48 -11.72 6.99
C GLY A 62 19.32 -10.33 6.45
N MET A 63 18.08 -9.88 6.26
CA MET A 63 17.79 -8.62 5.59
C MET A 63 17.03 -7.67 6.51
N MET A 64 17.27 -6.37 6.36
CA MET A 64 16.56 -5.42 7.19
C MET A 64 15.45 -4.71 6.41
N LEU A 65 14.33 -5.40 6.27
CA LEU A 65 13.20 -4.89 5.50
C LEU A 65 12.58 -3.74 6.26
N THR A 66 12.04 -2.76 5.54
CA THR A 66 11.68 -1.49 6.17
C THR A 66 10.40 -0.79 5.72
N GLN A 67 9.81 -1.14 4.59
CA GLN A 67 8.56 -0.46 4.26
C GLN A 67 7.39 -1.42 4.41
N THR A 68 6.34 -0.95 5.09
CA THR A 68 5.23 -1.80 5.54
C THR A 68 4.76 -2.83 4.51
N ARG A 69 3.99 -2.38 3.53
CA ARG A 69 3.34 -3.30 2.62
C ARG A 69 4.33 -4.19 1.89
N ALA A 70 5.59 -3.78 1.91
CA ALA A 70 6.63 -4.54 1.24
C ALA A 70 7.01 -5.76 2.05
N ILE A 71 6.86 -5.65 3.37
CA ILE A 71 7.24 -6.72 4.28
C ILE A 71 6.13 -7.74 4.37
N LEU A 72 4.89 -7.24 4.37
CA LEU A 72 3.73 -8.10 4.45
C LEU A 72 3.70 -9.11 3.31
N SER A 73 4.10 -8.67 2.12
CA SER A 73 3.98 -9.49 0.92
C SER A 73 5.15 -10.42 0.79
N TYR A 74 6.23 -10.12 1.49
CA TYR A 74 7.37 -11.03 1.57
C TYR A 74 6.97 -12.19 2.49
N LEU A 75 6.53 -11.81 3.68
CA LEU A 75 6.08 -12.75 4.68
C LEU A 75 4.99 -13.64 4.13
N ALA A 76 3.92 -12.99 3.68
CA ALA A 76 2.70 -13.68 3.28
C ALA A 76 2.90 -14.65 2.12
N ALA A 77 4.07 -14.62 1.51
CA ALA A 77 4.32 -15.45 0.35
C ALA A 77 5.35 -16.47 0.70
N LYS A 78 6.26 -16.10 1.60
CA LYS A 78 7.30 -17.02 2.10
C LYS A 78 6.60 -18.17 2.79
N TYR A 79 5.86 -17.80 3.83
CA TYR A 79 4.96 -18.70 4.55
C TYR A 79 3.66 -18.70 3.75
N ASN A 80 3.41 -19.78 3.02
CA ASN A 80 2.39 -19.86 1.98
C ASN A 80 0.96 -19.30 2.21
N LEU A 81 0.82 -18.00 2.43
CA LEU A 81 -0.49 -17.36 2.69
C LEU A 81 -1.02 -16.48 1.55
N TYR A 82 -0.24 -16.34 0.49
CA TYR A 82 -0.72 -15.76 -0.79
C TYR A 82 -1.12 -16.97 -1.62
N GLY A 83 -2.10 -16.82 -2.50
CA GLY A 83 -2.64 -17.95 -3.25
C GLY A 83 -1.69 -18.82 -4.09
N LYS A 84 -2.26 -19.65 -4.94
CA LYS A 84 -1.47 -20.41 -5.90
C LYS A 84 -1.25 -19.60 -7.17
N ASP A 85 -2.30 -18.91 -7.62
CA ASP A 85 -2.28 -18.18 -8.88
C ASP A 85 -2.39 -16.67 -8.68
N LEU A 86 -2.09 -15.94 -9.75
CA LEU A 86 -2.18 -14.49 -9.74
C LEU A 86 -3.60 -14.02 -9.56
N LYS A 87 -4.56 -14.84 -9.97
CA LYS A 87 -5.94 -14.39 -9.87
C LYS A 87 -6.45 -14.53 -8.45
N GLU A 88 -5.84 -15.46 -7.72
CA GLU A 88 -6.20 -15.63 -6.30
C GLU A 88 -5.51 -14.52 -5.54
N ARG A 89 -4.21 -14.42 -5.80
CA ARG A 89 -3.37 -13.44 -5.14
C ARG A 89 -3.96 -12.04 -5.23
N VAL A 90 -4.44 -11.68 -6.40
CA VAL A 90 -5.02 -10.36 -6.58
C VAL A 90 -6.36 -10.18 -5.85
N ARG A 91 -7.06 -11.28 -5.59
CA ARG A 91 -8.29 -11.21 -4.79
C ARG A 91 -7.91 -11.00 -3.33
N ILE A 92 -6.79 -11.63 -2.93
CA ILE A 92 -6.25 -11.44 -1.58
C ILE A 92 -5.93 -9.97 -1.41
N ASP A 93 -4.99 -9.54 -2.26
CA ASP A 93 -4.44 -8.19 -2.29
C ASP A 93 -5.47 -7.08 -2.38
N MET A 94 -6.56 -7.38 -3.06
CA MET A 94 -7.65 -6.44 -3.15
C MET A 94 -8.34 -6.39 -1.80
N TYR A 95 -8.53 -7.55 -1.18
CA TYR A 95 -9.27 -7.59 0.08
C TYR A 95 -8.36 -6.96 1.15
N ALA A 96 -7.09 -7.37 1.09
CA ALA A 96 -6.06 -6.92 2.02
C ALA A 96 -5.96 -5.40 2.11
N ASP A 97 -6.38 -4.73 1.05
CA ASP A 97 -6.15 -3.29 0.94
C ASP A 97 -7.30 -2.56 1.60
N GLY A 98 -8.48 -3.16 1.57
CA GLY A 98 -9.66 -2.49 2.10
C GLY A 98 -9.61 -2.47 3.61
N THR A 99 -9.30 -3.65 4.15
CA THR A 99 -9.17 -3.88 5.58
C THR A 99 -8.07 -2.98 6.05
N GLN A 100 -6.92 -3.15 5.38
CA GLN A 100 -5.76 -2.30 5.57
C GLN A 100 -6.16 -0.84 5.69
N ASP A 101 -7.08 -0.40 4.84
CA ASP A 101 -7.60 0.97 4.88
C ASP A 101 -8.33 1.22 6.17
N LEU A 102 -9.30 0.36 6.45
CA LEU A 102 -10.21 0.51 7.59
C LEU A 102 -9.42 0.63 8.88
N MET A 103 -8.48 -0.29 9.07
CA MET A 103 -7.68 -0.33 10.29
C MET A 103 -6.87 0.94 10.44
N MET A 104 -6.25 1.39 9.35
CA MET A 104 -5.35 2.54 9.42
C MET A 104 -6.11 3.83 9.69
N MET A 105 -7.42 3.81 9.49
CA MET A 105 -8.25 4.95 9.91
C MET A 105 -8.30 5.00 11.43
N ILE A 106 -8.49 3.83 12.02
CA ILE A 106 -8.56 3.64 13.45
C ILE A 106 -7.20 3.93 14.07
N ALA A 107 -6.18 3.35 13.46
CA ALA A 107 -4.81 3.47 13.98
C ALA A 107 -4.30 4.91 14.05
N VAL A 108 -4.86 5.80 13.23
CA VAL A 108 -4.35 7.16 13.11
C VAL A 108 -5.29 8.14 13.78
N ALA A 109 -6.50 7.67 14.08
CA ALA A 109 -7.52 8.49 14.72
C ALA A 109 -7.14 9.09 16.08
N PRO A 110 -6.30 8.37 16.90
CA PRO A 110 -5.95 8.94 18.20
C PRO A 110 -5.13 10.23 18.18
N PHE A 111 -4.38 10.47 17.10
CA PHE A 111 -3.49 11.61 17.06
C PHE A 111 -4.19 12.93 16.74
N LYS A 112 -5.47 12.86 16.42
CA LYS A 112 -6.28 14.06 16.22
C LYS A 112 -6.71 14.69 17.54
N THR A 113 -7.44 15.79 17.43
CA THR A 113 -8.05 16.49 18.56
C THR A 113 -9.58 16.19 18.55
N PRO A 114 -10.31 16.49 19.66
CA PRO A 114 -11.52 15.73 20.05
C PRO A 114 -12.70 15.67 19.07
N LYS A 115 -13.09 16.81 18.51
CA LYS A 115 -14.19 16.79 17.57
C LYS A 115 -13.83 15.91 16.38
N GLU A 116 -12.59 16.01 15.92
CA GLU A 116 -12.12 15.17 14.83
C GLU A 116 -12.17 13.69 15.26
N LYS A 117 -11.65 13.41 16.47
CA LYS A 117 -11.66 12.05 17.03
C LYS A 117 -13.01 11.35 16.97
N GLU A 118 -14.03 11.94 17.59
CA GLU A 118 -15.38 11.40 17.49
C GLU A 118 -15.88 11.32 16.06
N GLU A 119 -15.66 12.38 15.29
CA GLU A 119 -16.24 12.50 13.96
C GLU A 119 -15.63 11.45 13.06
N SER A 120 -14.41 11.04 13.39
CA SER A 120 -13.73 10.00 12.63
C SER A 120 -14.17 8.61 13.06
N TYR A 121 -14.34 8.40 14.37
CA TYR A 121 -14.73 7.08 14.90
C TYR A 121 -16.12 6.71 14.41
N ASP A 122 -17.06 7.64 14.57
CA ASP A 122 -18.43 7.47 14.11
C ASP A 122 -18.48 7.22 12.60
N LEU A 123 -17.47 7.71 11.87
CA LEU A 123 -17.39 7.51 10.43
C LEU A 123 -16.80 6.13 10.09
N ILE A 124 -15.75 5.75 10.80
CA ILE A 124 -15.12 4.43 10.68
C ILE A 124 -16.17 3.36 10.89
N LEU A 125 -17.08 3.64 11.82
CA LEU A 125 -18.22 2.78 12.07
C LEU A 125 -19.16 2.73 10.88
N SER A 126 -19.43 3.89 10.29
CA SER A 126 -20.30 3.96 9.13
C SER A 126 -19.66 3.19 8.00
N ARG A 127 -18.35 3.36 7.88
CA ARG A 127 -17.60 2.77 6.79
C ARG A 127 -17.47 1.26 6.95
N ALA A 128 -17.44 0.79 8.19
CA ALA A 128 -17.28 -0.64 8.46
C ALA A 128 -18.63 -1.30 8.27
N LYS A 129 -19.64 -0.67 8.86
CA LYS A 129 -20.97 -1.23 8.88
C LYS A 129 -21.67 -1.12 7.52
N THR A 130 -21.25 -0.14 6.72
CA THR A 130 -21.96 0.13 5.46
C THR A 130 -21.13 -0.10 4.21
N ARG A 131 -19.82 -0.03 4.33
CA ARG A 131 -18.96 -0.28 3.18
C ARG A 131 -18.24 -1.63 3.15
N TYR A 132 -17.43 -1.92 4.18
CA TYR A 132 -16.55 -3.09 4.13
C TYR A 132 -17.14 -4.43 4.57
N PHE A 133 -17.91 -4.43 5.66
CA PHE A 133 -18.44 -5.70 6.11
C PHE A 133 -19.40 -6.33 5.08
N PRO A 134 -20.43 -5.59 4.63
CA PRO A 134 -21.44 -6.16 3.71
C PRO A 134 -20.84 -6.79 2.45
N VAL A 135 -19.68 -6.29 2.08
CA VAL A 135 -18.93 -6.83 0.98
C VAL A 135 -18.35 -8.19 1.34
N PHE A 136 -17.76 -8.26 2.51
CA PHE A 136 -17.13 -9.49 2.96
C PHE A 136 -18.12 -10.55 3.37
N GLU A 137 -19.31 -10.10 3.75
CA GLU A 137 -20.38 -11.00 4.15
C GLU A 137 -20.85 -11.85 2.98
N LYS A 138 -21.08 -11.21 1.84
CA LYS A 138 -21.56 -11.93 0.68
C LYS A 138 -20.46 -12.68 -0.02
N ILE A 139 -19.23 -12.19 0.05
CA ILE A 139 -18.14 -12.98 -0.49
C ILE A 139 -18.14 -14.35 0.22
N LEU A 140 -18.49 -14.35 1.50
CA LEU A 140 -18.63 -15.60 2.27
C LEU A 140 -19.92 -16.33 1.92
N LYS A 141 -21.02 -15.58 1.84
CA LYS A 141 -22.31 -16.13 1.45
C LYS A 141 -22.23 -16.79 0.05
N ASP A 142 -21.89 -16.00 -0.96
CA ASP A 142 -21.88 -16.43 -2.36
C ASP A 142 -21.11 -17.73 -2.57
N HIS A 143 -20.04 -17.92 -1.82
CA HIS A 143 -19.30 -19.14 -2.02
C HIS A 143 -19.41 -20.04 -0.82
N GLY A 144 -20.18 -19.61 0.18
CA GLY A 144 -20.45 -20.43 1.34
C GLY A 144 -19.23 -20.69 2.18
N GLU A 145 -18.24 -21.31 1.53
CA GLU A 145 -16.95 -21.67 2.10
C GLU A 145 -16.50 -21.06 3.42
N ALA A 146 -15.63 -21.82 4.09
CA ALA A 146 -15.09 -21.45 5.40
C ALA A 146 -14.16 -20.26 5.29
N PHE A 147 -13.46 -20.17 4.16
CA PHE A 147 -12.35 -19.25 4.02
C PHE A 147 -12.59 -18.26 2.86
N LEU A 148 -11.88 -17.13 2.86
CA LEU A 148 -12.09 -16.09 1.85
C LEU A 148 -11.64 -16.43 0.42
N VAL A 149 -10.41 -16.93 0.24
CA VAL A 149 -9.92 -17.19 -1.11
C VAL A 149 -9.39 -18.60 -1.35
N GLY A 150 -10.23 -19.40 -2.00
CA GLY A 150 -9.82 -20.69 -2.51
C GLY A 150 -9.72 -21.79 -1.47
N ASN A 151 -10.60 -21.75 -0.47
CA ASN A 151 -10.68 -22.80 0.55
C ASN A 151 -9.40 -23.02 1.38
N GLN A 152 -8.55 -22.00 1.51
CA GLN A 152 -7.32 -22.11 2.30
C GLN A 152 -7.14 -20.89 3.18
N LEU A 153 -6.41 -21.04 4.29
CA LEU A 153 -6.05 -19.90 5.12
C LEU A 153 -5.13 -18.99 4.32
N SER A 154 -5.64 -17.82 3.94
CA SER A 154 -4.85 -16.83 3.20
C SER A 154 -4.67 -15.62 4.10
N TRP A 155 -3.63 -14.83 3.85
CA TRP A 155 -3.32 -13.70 4.72
C TRP A 155 -4.44 -12.65 4.70
N ALA A 156 -5.45 -12.89 3.88
CA ALA A 156 -6.60 -12.01 3.85
C ALA A 156 -7.54 -12.33 4.99
N ASP A 157 -7.58 -13.60 5.38
CA ASP A 157 -8.43 -14.05 6.47
C ASP A 157 -7.90 -13.49 7.77
N ILE A 158 -6.59 -13.67 7.94
CA ILE A 158 -5.84 -13.00 8.98
C ILE A 158 -6.00 -11.47 8.99
N GLN A 159 -6.32 -10.88 7.85
CA GLN A 159 -6.56 -9.44 7.84
C GLN A 159 -7.94 -9.11 8.26
N LEU A 160 -8.91 -9.87 7.75
CA LEU A 160 -10.32 -9.59 8.04
C LEU A 160 -10.59 -9.74 9.54
N LEU A 161 -10.02 -10.78 10.16
CA LEU A 161 -10.25 -11.03 11.58
C LEU A 161 -9.76 -9.83 12.39
N GLU A 162 -8.48 -9.50 12.17
CA GLU A 162 -7.87 -8.40 12.89
C GLU A 162 -8.71 -7.16 12.76
N ALA A 163 -9.23 -6.95 11.55
CA ALA A 163 -10.09 -5.80 11.28
C ALA A 163 -11.38 -5.86 12.10
N ILE A 164 -11.97 -7.06 12.16
CA ILE A 164 -13.22 -7.30 12.88
C ILE A 164 -13.04 -6.93 14.34
N LEU A 165 -11.99 -7.46 14.97
CA LEU A 165 -11.79 -7.23 16.41
C LEU A 165 -11.57 -5.74 16.61
N MET A 166 -10.87 -5.16 15.63
CA MET A 166 -10.44 -3.78 15.75
C MET A 166 -11.63 -2.85 15.65
N VAL A 167 -12.63 -3.26 14.88
CA VAL A 167 -13.83 -2.46 14.82
C VAL A 167 -14.67 -2.73 16.06
N GLU A 168 -14.63 -3.99 16.50
CA GLU A 168 -15.42 -4.50 17.63
C GLU A 168 -15.12 -3.76 18.92
N GLU A 169 -13.84 -3.45 19.12
CA GLU A 169 -13.38 -2.70 20.28
C GLU A 169 -13.98 -1.30 20.39
N LEU A 170 -14.54 -0.75 19.32
CA LEU A 170 -15.09 0.61 19.36
C LEU A 170 -16.59 0.54 19.59
N SER A 171 -17.18 -0.52 19.06
CA SER A 171 -18.61 -0.80 19.17
C SER A 171 -18.80 -2.29 18.92
N ALA A 172 -18.93 -3.05 20.00
CA ALA A 172 -19.08 -4.49 19.96
C ALA A 172 -20.31 -5.03 19.19
N PRO A 173 -21.44 -4.34 19.17
CA PRO A 173 -22.55 -4.88 18.38
C PRO A 173 -22.25 -5.13 16.92
N VAL A 174 -22.23 -4.06 16.18
CA VAL A 174 -21.42 -3.89 14.95
C VAL A 174 -21.56 -4.91 13.81
N LEU A 175 -21.96 -6.13 14.13
CA LEU A 175 -21.49 -7.30 13.39
C LEU A 175 -22.55 -8.38 13.51
N SER A 176 -23.49 -8.11 14.40
CA SER A 176 -24.65 -8.97 14.53
C SER A 176 -25.32 -9.13 13.18
N ASP A 177 -25.66 -7.99 12.58
CA ASP A 177 -26.26 -7.97 11.24
C ASP A 177 -25.46 -8.71 10.17
N PHE A 178 -24.22 -9.11 10.46
CA PHE A 178 -23.44 -9.97 9.56
C PHE A 178 -23.17 -11.38 10.12
N PRO A 179 -24.22 -12.25 10.12
CA PRO A 179 -24.12 -13.66 10.46
C PRO A 179 -22.85 -14.33 9.99
N LEU A 180 -22.70 -14.46 8.68
CA LEU A 180 -21.58 -15.27 8.15
C LEU A 180 -20.22 -14.86 8.71
N LEU A 181 -20.13 -13.57 9.07
CA LEU A 181 -18.90 -12.96 9.55
C LEU A 181 -18.65 -13.32 11.01
N GLN A 182 -19.69 -13.21 11.84
CA GLN A 182 -19.65 -13.80 13.19
C GLN A 182 -19.07 -15.20 13.12
N ALA A 183 -19.68 -16.06 12.31
CA ALA A 183 -19.18 -17.41 12.20
C ALA A 183 -17.74 -17.38 11.69
N PHE A 184 -17.40 -16.35 10.93
CA PHE A 184 -16.07 -16.23 10.35
C PHE A 184 -15.08 -16.08 11.50
N LYS A 185 -15.51 -15.25 12.45
CA LYS A 185 -14.71 -14.86 13.60
C LYS A 185 -14.44 -16.10 14.44
N THR A 186 -15.54 -16.76 14.82
CA THR A 186 -15.46 -17.98 15.59
C THR A 186 -14.49 -18.99 14.97
N ARG A 187 -14.65 -19.31 13.69
CA ARG A 187 -13.80 -20.38 13.18
C ARG A 187 -12.35 -20.01 13.04
N ILE A 188 -12.06 -18.73 12.77
CA ILE A 188 -10.68 -18.33 12.51
C ILE A 188 -9.94 -18.03 13.81
N SER A 189 -10.65 -17.47 14.78
CA SER A 189 -10.12 -17.30 16.13
C SER A 189 -9.76 -18.65 16.73
N ASN A 190 -10.35 -19.74 16.22
CA ASN A 190 -10.07 -21.05 16.76
C ASN A 190 -9.04 -21.83 15.97
N ILE A 191 -8.24 -21.13 15.18
CA ILE A 191 -7.11 -21.76 14.47
C ILE A 191 -5.87 -21.67 15.36
N PRO A 192 -5.22 -22.80 15.63
CA PRO A 192 -4.26 -22.97 16.73
C PRO A 192 -3.37 -21.76 16.98
N THR A 193 -2.81 -21.25 15.89
CA THR A 193 -1.87 -20.14 15.91
C THR A 193 -2.54 -18.83 16.30
N ILE A 194 -3.74 -18.60 15.77
CA ILE A 194 -4.51 -17.39 16.05
C ILE A 194 -4.98 -17.43 17.48
N LYS A 195 -5.35 -18.63 17.92
CA LYS A 195 -5.88 -18.91 19.27
C LYS A 195 -4.83 -18.55 20.33
N LYS A 196 -3.64 -19.11 20.15
CA LYS A 196 -2.51 -18.85 21.03
C LYS A 196 -2.24 -17.34 21.08
N PHE A 197 -2.15 -16.70 19.91
CA PHE A 197 -1.84 -15.27 19.81
C PHE A 197 -2.90 -14.40 20.49
N LEU A 198 -4.09 -14.94 20.69
CA LEU A 198 -5.15 -14.18 21.34
C LEU A 198 -5.28 -14.45 22.85
N GLN A 199 -4.50 -15.41 23.35
CA GLN A 199 -4.47 -15.75 24.79
C GLN A 199 -3.67 -14.73 25.61
N PRO A 200 -4.15 -14.41 26.84
CA PRO A 200 -3.93 -13.11 27.49
C PRO A 200 -2.48 -12.71 27.75
N GLY A 201 -1.53 -13.63 27.58
CA GLY A 201 -0.13 -13.28 27.76
C GLY A 201 0.63 -13.26 26.46
N SER A 202 0.32 -12.28 25.62
CA SER A 202 0.74 -12.33 24.22
C SER A 202 1.49 -11.12 23.68
N GLN A 203 2.19 -11.34 22.56
CA GLN A 203 2.84 -10.29 21.80
C GLN A 203 1.80 -9.29 21.28
N ARG A 204 0.59 -9.74 21.00
CA ARG A 204 -0.46 -8.83 20.52
C ARG A 204 -0.48 -7.60 21.42
N LYS A 205 -0.85 -6.45 20.88
CA LYS A 205 -0.72 -5.18 21.59
C LYS A 205 -2.05 -4.46 21.67
N PRO A 206 -2.19 -3.50 22.62
CA PRO A 206 -3.48 -2.89 22.95
C PRO A 206 -3.85 -1.82 21.96
N PRO A 207 -5.11 -1.36 21.98
CA PRO A 207 -5.42 -0.06 21.37
C PRO A 207 -4.53 1.09 21.87
N PRO A 208 -4.22 2.06 20.98
CA PRO A 208 -3.73 3.39 21.33
C PRO A 208 -4.46 4.10 22.45
N ASP A 209 -3.64 4.46 23.44
CA ASP A 209 -4.01 5.37 24.51
C ASP A 209 -3.11 6.58 24.37
N GLY A 210 -3.54 7.70 24.95
CA GLY A 210 -2.60 8.72 25.39
C GLY A 210 -1.12 8.39 25.22
N PRO A 211 -0.46 7.73 26.20
CA PRO A 211 1.00 7.53 26.22
C PRO A 211 1.59 7.15 24.90
N TYR A 212 0.96 6.16 24.26
CA TYR A 212 1.43 5.66 22.94
C TYR A 212 1.61 6.90 22.06
N VAL A 213 0.55 7.71 21.98
CA VAL A 213 0.56 8.99 21.27
C VAL A 213 1.83 9.77 21.63
N GLU A 214 2.12 9.87 22.91
CA GLU A 214 3.23 10.68 23.38
C GLU A 214 4.61 10.14 23.01
N VAL A 215 4.89 8.88 23.31
CA VAL A 215 6.15 8.25 22.92
C VAL A 215 6.36 8.46 21.42
N VAL A 216 5.27 8.39 20.68
CA VAL A 216 5.34 8.44 19.23
C VAL A 216 5.50 9.87 18.70
N ARG A 217 5.13 10.86 19.51
CA ARG A 217 5.38 12.24 19.12
C ARG A 217 6.79 12.63 19.53
N ILE A 218 7.37 11.85 20.44
CA ILE A 218 8.70 12.08 20.97
C ILE A 218 9.72 11.09 20.38
N VAL A 219 9.22 10.18 19.53
CA VAL A 219 10.02 9.23 18.72
C VAL A 219 10.21 7.85 19.37
N PRO B 5 -6.85 -4.11 -21.25
CA PRO B 5 -7.16 -3.20 -20.14
C PRO B 5 -8.13 -2.13 -20.55
N LYS B 6 -8.90 -1.64 -19.59
CA LYS B 6 -9.76 -0.49 -19.78
C LYS B 6 -9.73 0.28 -18.44
N LEU B 7 -8.95 1.34 -18.40
CA LEU B 7 -8.80 2.07 -17.17
C LEU B 7 -9.95 3.04 -17.00
N TYR B 8 -10.47 3.12 -15.78
CA TYR B 8 -11.50 4.09 -15.43
C TYR B 8 -10.93 4.97 -14.32
N TYR B 9 -11.10 6.27 -14.47
CA TYR B 9 -10.57 7.28 -13.54
C TYR B 9 -10.82 8.62 -14.22
N PHE B 10 -10.40 9.72 -13.59
CA PHE B 10 -10.59 11.03 -14.19
C PHE B 10 -9.67 11.29 -15.38
N ASN B 11 -9.88 12.44 -16.02
CA ASN B 11 -8.94 12.93 -17.02
C ASN B 11 -7.88 13.77 -16.33
N GLY B 12 -7.05 13.06 -15.56
CA GLY B 12 -5.97 13.67 -14.79
C GLY B 12 -5.07 12.57 -14.28
N ARG B 13 -4.08 12.90 -13.46
CA ARG B 13 -3.07 11.94 -13.03
C ARG B 13 -3.51 10.99 -11.90
N GLY B 14 -3.54 11.54 -10.68
CA GLY B 14 -4.00 10.80 -9.53
C GLY B 14 -3.44 9.40 -9.33
N ARG B 15 -4.33 8.50 -8.97
CA ARG B 15 -3.94 7.15 -8.60
C ARG B 15 -3.73 6.25 -9.79
N MET B 16 -4.17 6.68 -10.98
CA MET B 16 -4.04 5.81 -12.15
C MET B 16 -2.72 5.99 -12.84
N GLU B 17 -2.17 7.20 -12.74
CA GLU B 17 -1.00 7.56 -13.55
C GLU B 17 0.09 6.53 -13.49
N SER B 18 0.35 6.03 -12.29
CA SER B 18 1.40 5.04 -12.10
C SER B 18 1.07 3.71 -12.77
N ILE B 19 -0.22 3.48 -12.97
CA ILE B 19 -0.68 2.28 -13.67
C ILE B 19 -0.51 2.43 -15.19
N ARG B 20 -0.87 3.60 -15.71
CA ARG B 20 -0.74 3.87 -17.13
C ARG B 20 0.73 3.66 -17.46
N TRP B 21 1.58 4.34 -16.69
CA TRP B 21 3.02 4.17 -16.81
C TRP B 21 3.46 2.74 -16.87
N LEU B 22 2.88 1.87 -16.04
CA LEU B 22 3.39 0.50 -15.94
C LEU B 22 2.95 -0.31 -17.15
N LEU B 23 1.69 -0.11 -17.55
CA LEU B 23 1.17 -0.66 -18.79
C LEU B 23 2.07 -0.27 -19.96
N ALA B 24 2.28 1.04 -20.09
CA ALA B 24 3.02 1.62 -21.21
C ALA B 24 4.39 0.99 -21.32
N ALA B 25 5.08 0.92 -20.19
CA ALA B 25 6.43 0.37 -20.16
C ALA B 25 6.43 -1.09 -20.53
N ALA B 26 5.29 -1.75 -20.36
CA ALA B 26 5.20 -3.18 -20.63
C ALA B 26 5.00 -3.42 -22.11
N GLY B 27 4.69 -2.36 -22.83
CA GLY B 27 4.39 -2.46 -24.25
C GLY B 27 2.99 -2.99 -24.42
N VAL B 28 2.07 -2.49 -23.62
CA VAL B 28 0.70 -2.98 -23.63
C VAL B 28 -0.28 -1.84 -23.88
N GLU B 29 -1.09 -2.02 -24.92
CA GLU B 29 -2.02 -0.99 -25.33
C GLU B 29 -3.27 -1.01 -24.48
N PHE B 30 -3.68 0.17 -24.04
CA PHE B 30 -4.84 0.28 -23.19
C PHE B 30 -5.80 1.35 -23.62
N GLU B 31 -7.04 1.18 -23.19
CA GLU B 31 -8.14 2.06 -23.53
C GLU B 31 -8.51 2.71 -22.21
N GLU B 32 -9.05 3.91 -22.26
CA GLU B 32 -9.52 4.56 -21.06
C GLU B 32 -10.99 4.88 -21.21
N GLU B 33 -11.56 5.48 -20.16
CA GLU B 33 -12.96 5.89 -20.14
C GLU B 33 -13.04 6.77 -18.92
N PHE B 34 -13.20 8.06 -19.16
CA PHE B 34 -13.02 9.05 -18.12
C PHE B 34 -14.27 9.26 -17.31
N LEU B 35 -14.07 9.37 -16.00
CA LEU B 35 -15.15 9.77 -15.12
C LEU B 35 -15.27 11.28 -15.20
N GLU B 36 -16.28 11.71 -15.95
CA GLU B 36 -16.52 13.13 -16.10
C GLU B 36 -17.40 13.63 -14.98
N THR B 37 -18.72 13.44 -15.02
CA THR B 37 -19.39 13.84 -13.79
C THR B 37 -20.38 12.94 -13.03
N ARG B 38 -20.59 13.36 -11.77
CA ARG B 38 -21.33 12.71 -10.67
C ARG B 38 -22.12 11.43 -10.91
N GLU B 39 -22.91 11.45 -11.97
CA GLU B 39 -23.82 10.33 -12.25
C GLU B 39 -23.06 9.10 -12.70
N GLN B 40 -22.03 9.31 -13.52
CA GLN B 40 -21.20 8.22 -14.02
C GLN B 40 -20.71 7.29 -12.92
N TYR B 41 -20.14 7.89 -11.88
CA TYR B 41 -19.62 7.17 -10.72
C TYR B 41 -20.69 6.33 -10.03
N GLU B 42 -21.82 6.97 -9.70
CA GLU B 42 -22.93 6.29 -9.02
C GLU B 42 -23.51 5.13 -9.83
N LYS B 43 -23.31 5.15 -11.14
CA LYS B 43 -23.71 4.05 -12.00
C LYS B 43 -22.78 2.85 -11.85
N MET B 44 -21.48 3.08 -12.00
CA MET B 44 -20.47 2.02 -11.84
C MET B 44 -20.61 1.31 -10.51
N GLN B 45 -20.86 2.12 -9.48
CA GLN B 45 -21.05 1.68 -8.10
C GLN B 45 -22.10 0.59 -8.08
N LYS B 46 -23.31 0.97 -8.46
CA LYS B 46 -24.50 0.16 -8.28
C LYS B 46 -24.69 -0.90 -9.36
N ASP B 47 -23.79 -0.95 -10.33
CA ASP B 47 -23.76 -2.06 -11.29
C ASP B 47 -22.75 -3.11 -10.83
N GLY B 48 -22.25 -2.92 -9.61
CA GLY B 48 -21.38 -3.90 -8.97
C GLY B 48 -19.99 -3.98 -9.57
N HIS B 49 -19.41 -2.82 -9.90
CA HIS B 49 -18.08 -2.78 -10.48
C HIS B 49 -17.04 -2.42 -9.42
N LEU B 50 -17.38 -1.44 -8.60
CA LEU B 50 -16.46 -0.90 -7.61
C LEU B 50 -16.56 -1.62 -6.26
N LEU B 51 -15.60 -2.50 -6.00
CA LEU B 51 -15.59 -3.37 -4.82
C LEU B 51 -15.90 -2.64 -3.54
N PHE B 52 -14.97 -1.80 -3.10
CA PHE B 52 -15.19 -1.03 -1.90
C PHE B 52 -15.67 0.37 -2.23
N GLY B 53 -16.33 0.50 -3.38
CA GLY B 53 -16.92 1.76 -3.79
C GLY B 53 -15.97 2.90 -4.17
N GLN B 54 -14.86 2.59 -4.81
CA GLN B 54 -13.86 3.61 -5.11
C GLN B 54 -12.94 3.28 -6.29
N VAL B 55 -12.69 4.28 -7.13
CA VAL B 55 -11.77 4.15 -8.25
C VAL B 55 -10.36 4.44 -7.80
N PRO B 56 -9.34 3.94 -8.51
CA PRO B 56 -9.30 3.29 -9.82
C PRO B 56 -10.30 2.17 -10.05
N LEU B 57 -10.56 1.92 -11.33
CA LEU B 57 -11.13 0.65 -11.75
C LEU B 57 -10.34 0.29 -13.00
N VAL B 58 -9.89 -0.96 -13.08
CA VAL B 58 -9.15 -1.41 -14.23
C VAL B 58 -9.63 -2.79 -14.71
N GLU B 59 -10.49 -2.76 -15.72
CA GLU B 59 -10.98 -3.98 -16.38
C GLU B 59 -9.81 -4.66 -17.11
N ILE B 60 -9.43 -5.85 -16.68
CA ILE B 60 -8.36 -6.57 -17.34
C ILE B 60 -8.48 -8.07 -17.03
N ASP B 61 -8.08 -8.88 -18.01
CA ASP B 61 -8.24 -10.32 -17.94
C ASP B 61 -9.60 -10.78 -17.38
N GLY B 62 -10.65 -10.06 -17.80
CA GLY B 62 -12.01 -10.46 -17.51
C GLY B 62 -12.47 -10.09 -16.12
N MET B 63 -11.55 -9.48 -15.38
CA MET B 63 -11.81 -9.14 -13.99
C MET B 63 -11.90 -7.65 -13.92
N MET B 64 -12.70 -7.17 -12.98
CA MET B 64 -12.68 -5.76 -12.69
C MET B 64 -11.99 -5.48 -11.35
N LEU B 65 -10.67 -5.32 -11.44
CA LEU B 65 -9.82 -4.92 -10.33
C LEU B 65 -10.07 -3.48 -9.90
N THR B 66 -9.86 -3.20 -8.60
CA THR B 66 -10.33 -1.92 -8.07
C THR B 66 -9.48 -1.24 -7.00
N GLN B 67 -8.63 -1.97 -6.28
CA GLN B 67 -7.80 -1.26 -5.30
C GLN B 67 -6.36 -1.10 -5.78
N THR B 68 -5.86 0.14 -5.69
CA THR B 68 -4.64 0.60 -6.39
C THR B 68 -3.44 -0.32 -6.36
N ARG B 69 -2.77 -0.39 -5.21
CA ARG B 69 -1.57 -1.21 -5.08
C ARG B 69 -1.79 -2.70 -5.36
N ALA B 70 -3.07 -3.09 -5.39
CA ALA B 70 -3.45 -4.45 -5.71
C ALA B 70 -3.21 -4.69 -7.18
N ILE B 71 -3.59 -3.68 -7.97
CA ILE B 71 -3.57 -3.78 -9.41
C ILE B 71 -2.15 -3.69 -9.92
N LEU B 72 -1.37 -2.85 -9.27
CA LEU B 72 0.02 -2.65 -9.65
C LEU B 72 0.79 -3.94 -9.58
N SER B 73 0.50 -4.74 -8.56
CA SER B 73 1.29 -5.94 -8.31
C SER B 73 0.80 -7.10 -9.13
N TYR B 74 -0.43 -6.99 -9.64
CA TYR B 74 -0.92 -7.97 -10.60
C TYR B 74 -0.21 -7.72 -11.93
N LEU B 75 -0.31 -6.47 -12.39
CA LEU B 75 0.30 -6.03 -13.63
C LEU B 75 1.78 -6.34 -13.64
N ALA B 76 2.45 -5.81 -12.62
CA ALA B 76 3.90 -5.84 -12.56
C ALA B 76 4.48 -7.24 -12.49
N ALA B 77 3.61 -8.24 -12.35
CA ALA B 77 4.06 -9.63 -12.24
C ALA B 77 3.63 -10.38 -13.49
N LYS B 78 2.44 -10.05 -13.97
CA LYS B 78 1.90 -10.67 -15.17
C LYS B 78 2.89 -10.43 -16.27
N TYR B 79 3.18 -9.14 -16.48
CA TYR B 79 4.23 -8.67 -17.38
C TYR B 79 5.51 -8.58 -16.56
N ASN B 80 6.42 -9.52 -16.75
CA ASN B 80 7.55 -9.80 -15.85
C ASN B 80 8.41 -8.64 -15.30
N LEU B 81 7.83 -7.76 -14.49
CA LEU B 81 8.54 -6.59 -13.96
C LEU B 81 8.81 -6.68 -12.45
N TYR B 82 8.31 -7.73 -11.80
CA TYR B 82 8.72 -8.06 -10.43
C TYR B 82 9.83 -9.08 -10.63
N GLY B 83 10.82 -9.12 -9.72
CA GLY B 83 12.03 -9.92 -9.95
C GLY B 83 11.85 -11.41 -10.22
N LYS B 84 12.90 -12.20 -9.97
CA LYS B 84 12.78 -13.66 -9.95
C LYS B 84 12.42 -14.17 -8.56
N ASP B 85 13.19 -13.74 -7.57
CA ASP B 85 13.07 -14.25 -6.23
C ASP B 85 12.34 -13.28 -5.31
N LEU B 86 11.91 -13.77 -4.16
CA LEU B 86 11.23 -12.94 -3.19
C LEU B 86 12.14 -11.84 -2.68
N LYS B 87 13.45 -12.12 -2.65
CA LYS B 87 14.42 -11.14 -2.18
C LYS B 87 14.54 -9.96 -3.15
N GLU B 88 14.51 -10.25 -4.44
CA GLU B 88 14.50 -9.21 -5.45
C GLU B 88 13.20 -8.41 -5.37
N ARG B 89 12.08 -9.13 -5.36
CA ARG B 89 10.76 -8.52 -5.35
C ARG B 89 10.53 -7.64 -4.11
N VAL B 90 11.15 -8.00 -3.00
CA VAL B 90 10.96 -7.20 -1.79
C VAL B 90 11.72 -5.90 -1.88
N ARG B 91 12.91 -5.94 -2.50
CA ARG B 91 13.67 -4.72 -2.74
C ARG B 91 12.84 -3.80 -3.64
N ILE B 92 12.27 -4.38 -4.70
CA ILE B 92 11.42 -3.64 -5.63
C ILE B 92 10.31 -2.96 -4.85
N ASP B 93 9.58 -3.77 -4.12
CA ASP B 93 8.42 -3.33 -3.38
C ASP B 93 8.74 -2.21 -2.40
N MET B 94 9.90 -2.34 -1.77
CA MET B 94 10.42 -1.34 -0.82
C MET B 94 10.65 -0.01 -1.54
N TYR B 95 11.44 -0.07 -2.60
CA TYR B 95 11.71 1.13 -3.40
C TYR B 95 10.37 1.70 -3.88
N ALA B 96 9.57 0.83 -4.48
CA ALA B 96 8.29 1.22 -5.04
C ALA B 96 7.41 1.92 -4.03
N ASP B 97 7.71 1.69 -2.75
CA ASP B 97 6.85 2.23 -1.72
C ASP B 97 7.21 3.68 -1.46
N GLY B 98 8.51 3.94 -1.45
CA GLY B 98 9.00 5.26 -1.09
C GLY B 98 8.58 6.29 -2.13
N THR B 99 8.81 5.90 -3.38
CA THR B 99 8.48 6.70 -4.55
C THR B 99 7.00 6.96 -4.49
N GLN B 100 6.28 5.85 -4.42
CA GLN B 100 4.85 5.85 -4.24
C GLN B 100 4.40 6.89 -3.21
N ASP B 101 5.16 6.98 -2.12
CA ASP B 101 4.90 7.96 -1.07
C ASP B 101 5.09 9.36 -1.61
N LEU B 102 6.27 9.58 -2.18
CA LEU B 102 6.70 10.89 -2.64
C LEU B 102 5.70 11.49 -3.61
N MET B 103 5.33 10.67 -4.59
CA MET B 103 4.39 11.10 -5.61
C MET B 103 3.05 11.45 -5.00
N MET B 104 2.58 10.61 -4.09
CA MET B 104 1.25 10.81 -3.56
C MET B 104 1.16 12.07 -2.70
N MET B 105 2.32 12.57 -2.26
CA MET B 105 2.35 13.86 -1.55
C MET B 105 2.02 14.98 -2.54
N ILE B 106 2.65 14.87 -3.71
CA ILE B 106 2.46 15.80 -4.80
C ILE B 106 1.03 15.72 -5.33
N ALA B 107 0.59 14.48 -5.56
CA ALA B 107 -0.72 14.22 -6.13
C ALA B 107 -1.89 14.75 -5.30
N VAL B 108 -1.66 14.92 -4.01
CA VAL B 108 -2.75 15.29 -3.10
C VAL B 108 -2.60 16.75 -2.67
N ALA B 109 -1.41 17.31 -2.93
CA ALA B 109 -1.12 18.69 -2.57
C ALA B 109 -2.05 19.76 -3.16
N PRO B 110 -2.57 19.54 -4.39
CA PRO B 110 -3.45 20.57 -4.96
C PRO B 110 -4.76 20.79 -4.22
N PHE B 111 -5.18 19.79 -3.44
CA PHE B 111 -6.48 19.83 -2.78
C PHE B 111 -6.51 20.70 -1.52
N LYS B 112 -5.33 21.14 -1.08
CA LYS B 112 -5.21 22.03 0.06
C LYS B 112 -5.43 23.50 -0.28
N THR B 113 -5.33 24.34 0.74
CA THR B 113 -5.43 25.78 0.60
C THR B 113 -4.03 26.38 0.74
N SER B 120 3.73 22.49 1.74
CA SER B 120 3.84 21.10 1.33
C SER B 120 4.80 20.92 0.16
N TYR B 121 4.73 21.79 -0.84
CA TYR B 121 5.60 21.69 -2.02
C TYR B 121 7.06 21.86 -1.65
N ASP B 122 7.32 22.85 -0.80
CA ASP B 122 8.67 23.12 -0.32
C ASP B 122 9.18 21.99 0.60
N LEU B 123 8.25 21.22 1.16
CA LEU B 123 8.59 20.06 1.97
C LEU B 123 8.88 18.83 1.12
N ILE B 124 8.04 18.60 0.11
CA ILE B 124 8.18 17.51 -0.86
C ILE B 124 9.56 17.63 -1.49
N LEU B 125 9.98 18.86 -1.69
CA LEU B 125 11.29 19.16 -2.22
C LEU B 125 12.38 18.78 -1.23
N SER B 126 12.17 19.09 0.05
CA SER B 126 13.15 18.76 1.08
C SER B 126 13.23 17.25 1.16
N ARG B 127 12.08 16.61 1.04
CA ARG B 127 11.97 15.17 1.21
C ARG B 127 12.55 14.42 0.02
N ALA B 128 12.48 15.03 -1.16
CA ALA B 128 13.02 14.42 -2.37
C ALA B 128 14.54 14.59 -2.42
N LYS B 129 14.96 15.84 -2.19
CA LYS B 129 16.36 16.23 -2.23
C LYS B 129 17.18 15.62 -1.08
N THR B 130 16.56 15.54 0.09
CA THR B 130 17.29 15.13 1.29
C THR B 130 17.00 13.68 1.66
N ARG B 131 15.77 13.21 1.41
CA ARG B 131 15.43 11.84 1.82
C ARG B 131 15.52 10.78 0.73
N TYR B 132 14.76 10.92 -0.35
CA TYR B 132 14.61 9.82 -1.29
C TYR B 132 15.77 9.70 -2.30
N PHE B 133 16.06 10.77 -3.03
CA PHE B 133 17.08 10.69 -4.07
C PHE B 133 18.46 10.19 -3.64
N PRO B 134 18.99 10.69 -2.50
CA PRO B 134 20.32 10.26 -2.04
C PRO B 134 20.43 8.75 -1.87
N VAL B 135 19.29 8.13 -1.56
CA VAL B 135 19.23 6.69 -1.34
C VAL B 135 19.34 6.01 -2.69
N PHE B 136 18.52 6.46 -3.63
CA PHE B 136 18.55 5.87 -4.97
C PHE B 136 19.87 6.08 -5.65
N GLU B 137 20.49 7.21 -5.34
CA GLU B 137 21.75 7.61 -5.94
C GLU B 137 22.85 6.62 -5.57
N LYS B 138 22.91 6.25 -4.30
CA LYS B 138 23.93 5.31 -3.90
C LYS B 138 23.55 3.86 -4.15
N ILE B 139 22.25 3.55 -4.22
CA ILE B 139 21.86 2.21 -4.66
C ILE B 139 22.39 1.98 -6.09
N LEU B 140 22.38 3.03 -6.90
CA LEU B 140 22.95 2.97 -8.25
C LEU B 140 24.47 2.96 -8.21
N LYS B 141 25.04 3.71 -7.26
CA LYS B 141 26.49 3.86 -7.14
C LYS B 141 27.13 2.58 -6.62
N ASP B 142 26.57 2.06 -5.53
CA ASP B 142 27.08 0.87 -4.86
C ASP B 142 27.15 -0.33 -5.78
N HIS B 143 26.18 -0.47 -6.70
CA HIS B 143 26.25 -1.57 -7.67
C HIS B 143 26.59 -1.14 -9.09
N GLY B 144 26.74 0.16 -9.30
CA GLY B 144 27.12 0.68 -10.60
C GLY B 144 26.03 0.52 -11.63
N GLU B 145 25.70 -0.73 -11.90
CA GLU B 145 24.68 -1.16 -12.86
C GLU B 145 23.67 -0.16 -13.43
N ALA B 146 23.14 -0.54 -14.60
CA ALA B 146 22.22 0.28 -15.37
C ALA B 146 20.83 0.37 -14.76
N PHE B 147 20.50 -0.59 -13.90
CA PHE B 147 19.14 -0.78 -13.41
C PHE B 147 19.09 -0.97 -11.89
N LEU B 148 17.95 -0.72 -11.26
CA LEU B 148 17.83 -0.78 -9.81
C LEU B 148 17.96 -2.18 -9.19
N VAL B 149 17.21 -3.16 -9.69
CA VAL B 149 17.22 -4.48 -9.05
C VAL B 149 17.54 -5.63 -10.00
N GLY B 150 18.78 -6.09 -9.92
CA GLY B 150 19.19 -7.31 -10.58
C GLY B 150 19.42 -7.21 -12.07
N ASN B 151 19.86 -6.04 -12.53
CA ASN B 151 20.27 -5.90 -13.94
C ASN B 151 19.12 -6.09 -14.95
N GLN B 152 17.89 -5.83 -14.53
CA GLN B 152 16.73 -5.94 -15.42
C GLN B 152 15.75 -4.79 -15.19
N LEU B 153 14.98 -4.47 -16.22
CA LEU B 153 13.94 -3.46 -16.07
C LEU B 153 12.89 -4.01 -15.12
N SER B 154 12.83 -3.41 -13.92
CA SER B 154 11.84 -3.78 -12.92
C SER B 154 10.86 -2.62 -12.75
N TRP B 155 9.66 -2.90 -12.26
CA TRP B 155 8.65 -1.86 -12.15
C TRP B 155 9.07 -0.78 -11.15
N ALA B 156 10.20 -1.00 -10.50
CA ALA B 156 10.76 0.02 -9.61
C ALA B 156 11.44 1.12 -10.40
N ASP B 157 12.04 0.75 -11.55
CA ASP B 157 12.73 1.71 -12.38
C ASP B 157 11.69 2.63 -12.98
N ILE B 158 10.64 2.01 -13.50
CA ILE B 158 9.47 2.72 -13.97
C ILE B 158 8.86 3.61 -12.87
N GLN B 159 9.09 3.28 -11.61
CA GLN B 159 8.55 4.09 -10.52
C GLN B 159 9.45 5.29 -10.27
N LEU B 160 10.75 5.02 -10.23
CA LEU B 160 11.72 6.06 -9.92
C LEU B 160 11.66 7.16 -10.97
N LEU B 161 11.58 6.78 -12.25
CA LEU B 161 11.58 7.76 -13.34
C LEU B 161 10.38 8.68 -13.20
N GLU B 162 9.22 8.07 -13.08
CA GLU B 162 8.00 8.82 -12.99
C GLU B 162 8.11 9.79 -11.83
N ALA B 163 8.73 9.32 -10.74
CA ALA B 163 8.92 10.15 -9.55
C ALA B 163 9.87 11.32 -9.84
N ILE B 164 10.96 11.02 -10.55
CA ILE B 164 11.95 12.04 -10.92
C ILE B 164 11.30 13.19 -11.69
N LEU B 165 10.60 12.86 -12.78
CA LEU B 165 10.01 13.91 -13.61
C LEU B 165 8.87 14.59 -12.86
N MET B 166 8.32 13.91 -11.87
CA MET B 166 7.21 14.47 -11.10
C MET B 166 7.75 15.50 -10.11
N VAL B 167 8.97 15.25 -9.62
CA VAL B 167 9.61 16.22 -8.75
C VAL B 167 10.15 17.36 -9.60
N GLU B 168 10.67 16.98 -10.78
CA GLU B 168 11.31 17.91 -11.73
C GLU B 168 10.36 19.01 -12.17
N GLU B 169 9.09 18.65 -12.27
CA GLU B 169 8.06 19.58 -12.68
C GLU B 169 7.78 20.68 -11.68
N LEU B 170 8.33 20.55 -10.47
CA LEU B 170 8.12 21.57 -9.43
C LEU B 170 9.36 22.44 -9.29
N SER B 171 10.51 21.81 -9.53
CA SER B 171 11.79 22.47 -9.47
C SER B 171 12.77 21.63 -10.28
N ALA B 172 12.99 22.05 -11.53
CA ALA B 172 13.82 21.33 -12.50
C ALA B 172 15.31 21.07 -12.15
N PRO B 173 16.03 21.99 -11.48
CA PRO B 173 17.40 21.68 -11.07
C PRO B 173 17.57 20.39 -10.26
N VAL B 174 17.20 20.48 -9.01
CA VAL B 174 16.66 19.32 -8.21
C VAL B 174 17.47 18.03 -8.08
N LEU B 175 18.41 17.80 -8.99
CA LEU B 175 18.78 16.44 -9.38
C LEU B 175 20.19 16.46 -9.93
N SER B 176 20.65 17.66 -10.23
CA SER B 176 22.01 17.85 -10.68
C SER B 176 22.98 17.17 -9.73
N ASP B 177 22.81 17.51 -8.45
CA ASP B 177 23.64 16.97 -7.38
C ASP B 177 23.69 15.45 -7.40
N PHE B 178 22.74 14.83 -8.09
CA PHE B 178 22.69 13.39 -8.23
C PHE B 178 23.02 12.96 -9.66
N PRO B 179 24.31 12.79 -9.97
CA PRO B 179 24.79 12.30 -11.26
C PRO B 179 24.15 10.99 -11.72
N LEU B 180 24.39 9.91 -10.97
CA LEU B 180 23.93 8.59 -11.38
C LEU B 180 22.44 8.59 -11.73
N LEU B 181 21.68 9.46 -11.06
CA LEU B 181 20.26 9.57 -11.32
C LEU B 181 19.97 10.27 -12.63
N GLN B 182 20.69 11.36 -12.91
CA GLN B 182 20.60 12.01 -14.22
C GLN B 182 20.84 10.98 -15.32
N ALA B 183 21.91 10.20 -15.17
CA ALA B 183 22.22 9.15 -16.12
C ALA B 183 21.13 8.08 -16.15
N PHE B 184 20.45 7.90 -15.03
CA PHE B 184 19.38 6.91 -14.96
C PHE B 184 18.24 7.39 -15.84
N LYS B 185 17.81 8.63 -15.57
CA LYS B 185 16.72 9.30 -16.25
C LYS B 185 16.92 9.19 -17.76
N THR B 186 18.14 9.47 -18.20
CA THR B 186 18.41 9.40 -19.61
C THR B 186 18.19 8.00 -20.14
N ARG B 187 18.93 7.03 -19.63
CA ARG B 187 18.87 5.67 -20.19
C ARG B 187 17.50 4.99 -20.07
N ILE B 188 16.67 5.41 -19.12
CA ILE B 188 15.38 4.77 -18.97
C ILE B 188 14.34 5.48 -19.82
N SER B 189 14.45 6.80 -19.92
CA SER B 189 13.60 7.57 -20.83
C SER B 189 13.81 7.11 -22.28
N ASN B 190 14.95 6.49 -22.53
CA ASN B 190 15.27 6.05 -23.88
C ASN B 190 14.98 4.57 -24.12
N ILE B 191 14.15 3.98 -23.27
CA ILE B 191 13.65 2.63 -23.49
C ILE B 191 12.37 2.70 -24.32
N PRO B 192 12.32 1.96 -25.45
CA PRO B 192 11.35 2.16 -26.55
C PRO B 192 9.96 2.53 -26.06
N THR B 193 9.49 1.75 -25.09
CA THR B 193 8.14 1.88 -24.56
C THR B 193 7.95 3.16 -23.76
N ILE B 194 8.99 3.52 -23.00
CA ILE B 194 8.98 4.71 -22.16
C ILE B 194 9.07 5.93 -23.06
N LYS B 195 9.91 5.82 -24.09
CA LYS B 195 10.15 6.89 -25.07
C LYS B 195 8.84 7.22 -25.74
N LYS B 196 8.18 6.19 -26.25
CA LYS B 196 6.91 6.34 -26.95
C LYS B 196 5.82 6.92 -26.05
N PHE B 197 5.87 6.57 -24.76
CA PHE B 197 4.88 7.06 -23.80
C PHE B 197 5.10 8.54 -23.43
N LEU B 198 6.34 8.99 -23.61
CA LEU B 198 6.73 10.38 -23.33
C LEU B 198 6.56 11.32 -24.54
N GLN B 199 6.31 10.77 -25.73
CA GLN B 199 6.14 11.57 -26.95
C GLN B 199 4.78 12.29 -27.01
N PRO B 200 4.80 13.56 -27.46
CA PRO B 200 3.80 14.61 -27.13
C PRO B 200 2.33 14.25 -27.23
N GLY B 201 2.01 13.21 -28.00
CA GLY B 201 0.62 12.88 -28.23
C GLY B 201 0.22 11.62 -27.53
N SER B 202 0.15 11.69 -26.20
CA SER B 202 0.19 10.47 -25.40
C SER B 202 -0.95 10.30 -24.43
N GLN B 203 -1.07 9.07 -23.94
CA GLN B 203 -1.99 8.73 -22.88
C GLN B 203 -1.58 9.44 -21.59
N ARG B 204 -0.26 9.61 -21.42
CA ARG B 204 0.29 10.34 -20.28
C ARG B 204 -0.51 11.60 -20.01
N LYS B 205 -0.69 11.94 -18.74
CA LYS B 205 -1.60 13.03 -18.37
C LYS B 205 -0.83 14.15 -17.70
N PRO B 206 -1.45 15.35 -17.57
CA PRO B 206 -0.81 16.53 -16.96
C PRO B 206 -0.76 16.48 -15.43
N PRO B 207 0.15 17.24 -14.82
CA PRO B 207 -0.10 17.78 -13.47
C PRO B 207 -1.49 18.41 -13.23
N PRO B 208 -2.03 18.23 -12.00
CA PRO B 208 -3.27 18.84 -11.51
C PRO B 208 -3.24 20.36 -11.56
N ASP B 209 -4.36 20.96 -11.94
CA ASP B 209 -4.36 22.35 -12.34
C ASP B 209 -5.42 23.22 -11.68
N GLY B 210 -6.67 23.09 -12.11
CA GLY B 210 -7.76 23.82 -11.53
C GLY B 210 -8.96 22.90 -11.45
N PRO B 211 -9.96 23.04 -12.32
CA PRO B 211 -10.92 21.95 -12.51
C PRO B 211 -10.38 20.66 -13.17
N TYR B 212 -9.22 20.18 -12.69
CA TYR B 212 -9.10 18.76 -12.35
C TYR B 212 -9.62 18.58 -10.93
N VAL B 213 -9.05 19.35 -10.01
CA VAL B 213 -9.50 19.43 -8.61
C VAL B 213 -11.02 19.45 -8.43
N GLU B 214 -11.72 20.09 -9.35
CA GLU B 214 -13.16 20.21 -9.18
C GLU B 214 -14.09 19.36 -10.04
N VAL B 215 -13.55 18.68 -11.05
CA VAL B 215 -14.24 17.50 -11.55
C VAL B 215 -14.25 16.48 -10.40
N VAL B 216 -13.12 16.39 -9.71
CA VAL B 216 -12.88 15.41 -8.66
C VAL B 216 -13.66 15.70 -7.37
N ARG B 217 -13.97 16.96 -7.13
CA ARG B 217 -14.80 17.29 -5.96
C ARG B 217 -16.27 17.07 -6.30
N ILE B 218 -16.59 17.10 -7.58
CA ILE B 218 -17.96 16.96 -8.07
C ILE B 218 -18.20 15.50 -8.50
N VAL B 219 -17.12 14.71 -8.51
CA VAL B 219 -17.10 13.24 -8.70
C VAL B 219 -16.58 12.77 -10.04
#